data_7N6L
#
_entry.id   7N6L
#
_cell.length_a   37.621
_cell.length_b   95.607
_cell.length_c   117.614
_cell.angle_alpha   90.000
_cell.angle_beta   90.000
_cell.angle_gamma   90.000
#
_symmetry.space_group_name_H-M   'I 2 2 2'
#
loop_
_entity.id
_entity.type
_entity.pdbx_description
1 polymer 'Chaperone protein DnaK'
2 polymer 'Alkaline phosphatase peptide'
3 non-polymer GLYCEROL
4 non-polymer 'SULFATE ION'
5 water water
#
loop_
_entity_poly.entity_id
_entity_poly.type
_entity_poly.pdbx_seq_one_letter_code
_entity_poly.pdbx_strand_id
1 'polypeptide(L)'
;VLLLDVTPLSLGIETMGGVMTTLIAKNTTIPTKHSQVFSTAEDNQSAVTIHVLQGERKRAADNKSLGQFNLDGINPAPRG
MPQIEVTFDIDADGILHVSAKDKNSGKEQKITIKASSGLNEDEIQKMVRDAEANAEADRKFEELVQTRNQGDHLLHSTRK
QVEEAGDKLPADDKTAIESALTALETALKGEDKAAIEAKMQELAQVSQKLMEIAQQQHA
;
A
2 'polypeptide(L)' EANQQKPLLGLFADG B
#
# COMPACT_ATOMS: atom_id res chain seq x y z
N VAL A 1 -7.78 35.39 -5.17
CA VAL A 1 -6.75 36.41 -5.54
C VAL A 1 -6.33 37.23 -4.29
N LEU A 2 -7.25 37.54 -3.37
CA LEU A 2 -6.91 37.96 -1.99
C LEU A 2 -6.97 36.75 -1.05
N LEU A 3 -7.11 35.55 -1.59
CA LEU A 3 -7.74 34.37 -0.92
C LEU A 3 -7.53 33.10 -1.75
N LEU A 4 -7.31 31.95 -1.08
CA LEU A 4 -7.31 30.60 -1.69
C LEU A 4 -8.04 29.60 -0.80
N ASP A 5 -8.88 28.76 -1.39
CA ASP A 5 -9.31 27.46 -0.82
C ASP A 5 -8.17 26.46 -1.06
N VAL A 6 -7.41 26.11 -0.01
CA VAL A 6 -6.37 25.06 -0.09
C VAL A 6 -6.72 23.92 0.86
N THR A 7 -6.22 22.72 0.54
CA THR A 7 -6.23 21.51 1.39
C THR A 7 -5.28 21.73 2.55
N PRO A 8 -5.76 21.87 3.79
CA PRO A 8 -4.87 22.11 4.92
C PRO A 8 -4.01 20.88 5.22
N LEU A 9 -4.50 19.69 4.85
CA LEU A 9 -3.76 18.40 5.02
C LEU A 9 -3.87 17.57 3.73
N SER A 10 -2.96 16.60 3.60
CA SER A 10 -2.92 15.62 2.49
C SER A 10 -4.11 14.67 2.61
N LEU A 11 -4.57 14.17 1.46
CA LEU A 11 -5.69 13.20 1.35
C LEU A 11 -5.24 11.99 0.52
N GLY A 12 -5.43 10.80 1.07
CA GLY A 12 -5.02 9.58 0.37
C GLY A 12 -5.74 8.36 0.88
N ILE A 13 -5.10 7.20 0.75
CA ILE A 13 -5.72 5.90 1.15
C ILE A 13 -4.67 5.05 1.84
N GLU A 14 -5.12 4.06 2.60
CA GLU A 14 -4.25 3.05 3.23
C GLU A 14 -3.79 2.14 2.11
N THR A 15 -2.53 1.70 2.14
CA THR A 15 -1.98 0.67 1.22
C THR A 15 -1.24 -0.37 2.07
N MET A 16 -0.84 -1.47 1.45
CA MET A 16 -0.39 -2.71 2.16
C MET A 16 0.77 -2.33 3.09
N GLY A 17 0.70 -2.78 4.36
CA GLY A 17 1.64 -2.41 5.44
C GLY A 17 1.02 -1.46 6.46
N GLY A 18 -0.11 -0.84 6.13
CA GLY A 18 -0.75 0.20 6.96
C GLY A 18 -0.10 1.55 6.77
N VAL A 19 0.29 1.86 5.52
CA VAL A 19 0.88 3.16 5.10
C VAL A 19 -0.21 3.97 4.41
N MET A 20 -0.29 5.25 4.74
CA MET A 20 -1.09 6.24 4.00
C MET A 20 -0.33 6.58 2.72
N THR A 21 -0.94 6.32 1.56
CA THR A 21 -0.46 6.81 0.26
C THR A 21 -1.29 8.06 -0.09
N THR A 22 -0.61 9.14 -0.50
CA THR A 22 -1.19 10.48 -0.73
C THR A 22 -1.70 10.56 -2.17
N LEU A 23 -2.94 10.99 -2.37
CA LEU A 23 -3.50 11.23 -3.72
C LEU A 23 -3.43 12.73 -4.01
N ILE A 24 -3.80 13.56 -3.02
CA ILE A 24 -3.83 15.05 -3.14
C ILE A 24 -2.98 15.63 -2.01
N ALA A 25 -1.91 16.34 -2.37
CA ALA A 25 -0.89 16.89 -1.44
C ALA A 25 -1.44 18.12 -0.71
N LYS A 26 -1.18 18.19 0.61
CA LYS A 26 -1.30 19.35 1.52
C LYS A 26 -1.00 20.64 0.77
N ASN A 27 -1.86 21.65 0.92
CA ASN A 27 -1.67 23.01 0.35
C ASN A 27 -1.82 22.91 -1.17
N THR A 28 -2.75 22.08 -1.64
CA THR A 28 -3.22 22.04 -3.04
C THR A 28 -4.43 22.96 -3.16
N THR A 29 -4.52 23.70 -4.26
CA THR A 29 -5.65 24.61 -4.56
C THR A 29 -6.84 23.78 -5.04
N ILE A 30 -8.03 24.19 -4.61
CA ILE A 30 -9.34 23.60 -4.97
C ILE A 30 -9.94 24.50 -6.05
N PRO A 31 -10.69 23.95 -7.05
CA PRO A 31 -10.94 22.51 -7.19
C PRO A 31 -9.75 21.72 -7.76
N THR A 32 -9.82 20.38 -7.70
CA THR A 32 -8.72 19.50 -8.15
C THR A 32 -9.17 18.05 -8.27
N LYS A 33 -8.34 17.24 -8.90
CA LYS A 33 -8.63 15.85 -9.32
C LYS A 33 -7.30 15.12 -9.55
N HIS A 34 -7.02 14.09 -8.76
CA HIS A 34 -5.79 13.26 -8.91
C HIS A 34 -6.20 11.79 -8.84
N SER A 35 -5.67 10.98 -9.76
CA SER A 35 -5.96 9.53 -9.89
C SER A 35 -4.65 8.75 -9.79
N GLN A 36 -4.73 7.47 -9.49
CA GLN A 36 -3.55 6.59 -9.30
C GLN A 36 -4.04 5.15 -9.39
N VAL A 37 -3.35 4.34 -10.18
CA VAL A 37 -3.72 2.91 -10.37
C VAL A 37 -3.02 2.11 -9.27
N PHE A 38 -3.81 1.35 -8.52
CA PHE A 38 -3.37 0.38 -7.47
C PHE A 38 -3.75 -1.03 -7.91
N SER A 39 -3.30 -2.05 -7.19
CA SER A 39 -3.62 -3.47 -7.48
C SER A 39 -3.87 -4.25 -6.19
N THR A 40 -3.84 -5.59 -6.28
CA THR A 40 -4.19 -6.54 -5.19
C THR A 40 -2.94 -7.00 -4.45
N ALA A 41 -3.06 -7.23 -3.15
CA ALA A 41 -1.96 -7.72 -2.28
C ALA A 41 -1.79 -9.24 -2.43
N GLU A 42 -2.81 -9.98 -2.88
CA GLU A 42 -2.78 -11.47 -2.91
C GLU A 42 -3.53 -12.06 -4.11
N ASP A 43 -3.10 -13.25 -4.56
CA ASP A 43 -3.66 -14.00 -5.71
C ASP A 43 -5.18 -14.19 -5.53
N ASN A 44 -5.92 -14.21 -6.63
CA ASN A 44 -7.41 -14.41 -6.68
C ASN A 44 -8.07 -13.55 -5.59
N GLN A 45 -7.60 -12.31 -5.41
CA GLN A 45 -8.28 -11.28 -4.58
C GLN A 45 -9.49 -10.83 -5.38
N SER A 46 -10.66 -10.79 -4.74
CA SER A 46 -11.97 -10.53 -5.37
C SER A 46 -12.45 -9.13 -4.99
N ALA A 47 -11.80 -8.51 -4.01
CA ALA A 47 -12.07 -7.11 -3.58
C ALA A 47 -10.84 -6.46 -2.91
N VAL A 48 -10.85 -5.13 -2.93
CA VAL A 48 -9.93 -4.22 -2.20
C VAL A 48 -10.82 -3.34 -1.34
N THR A 49 -10.28 -2.90 -0.21
CA THR A 49 -10.91 -1.89 0.69
C THR A 49 -10.23 -0.53 0.46
N ILE A 50 -11.00 0.47 0.03
CA ILE A 50 -10.50 1.87 -0.09
C ILE A 50 -10.75 2.58 1.24
N HIS A 51 -9.71 2.67 2.08
CA HIS A 51 -9.72 3.42 3.37
C HIS A 51 -9.12 4.82 3.13
N VAL A 52 -9.95 5.86 3.21
CA VAL A 52 -9.63 7.28 2.86
C VAL A 52 -9.09 8.00 4.10
N LEU A 53 -8.03 8.77 3.93
CA LEU A 53 -7.25 9.34 5.04
C LEU A 53 -7.05 10.84 4.84
N GLN A 54 -7.13 11.58 5.94
CA GLN A 54 -6.65 12.99 6.05
C GLN A 54 -5.55 13.02 7.10
N GLY A 55 -4.41 13.65 6.78
CA GLY A 55 -3.28 13.84 7.72
C GLY A 55 -1.95 13.83 6.99
N GLU A 56 -0.85 13.91 7.76
CA GLU A 56 0.55 13.97 7.24
C GLU A 56 1.40 12.84 7.81
N ARG A 57 0.84 11.93 8.62
CA ARG A 57 1.59 10.82 9.24
C ARG A 57 1.68 9.66 8.22
N LYS A 58 2.82 8.97 8.18
CA LYS A 58 3.05 7.87 7.20
C LYS A 58 2.24 6.65 7.62
N ARG A 59 1.87 6.53 8.90
CA ARG A 59 1.09 5.38 9.43
C ARG A 59 -0.39 5.69 9.24
N ALA A 60 -1.12 4.85 8.51
CA ALA A 60 -2.58 4.96 8.25
C ALA A 60 -3.28 5.31 9.57
N ALA A 61 -2.93 4.58 10.64
CA ALA A 61 -3.58 4.59 11.98
C ALA A 61 -3.41 5.94 12.69
N ASP A 62 -2.38 6.72 12.37
CA ASP A 62 -2.07 8.04 12.99
C ASP A 62 -2.78 9.17 12.25
N ASN A 63 -3.41 8.88 11.10
CA ASN A 63 -4.13 9.87 10.27
C ASN A 63 -5.63 9.81 10.60
N LYS A 64 -6.39 10.78 10.11
CA LYS A 64 -7.86 10.90 10.35
C LYS A 64 -8.62 10.19 9.22
N SER A 65 -9.48 9.25 9.60
CA SER A 65 -10.29 8.43 8.66
C SER A 65 -11.49 9.26 8.18
N LEU A 66 -11.76 9.24 6.88
CA LEU A 66 -12.91 10.00 6.32
C LEU A 66 -14.04 9.04 5.91
N GLY A 67 -13.85 7.72 6.11
CA GLY A 67 -14.75 6.65 5.65
C GLY A 67 -13.97 5.56 4.92
N GLN A 68 -14.62 4.41 4.67
CA GLN A 68 -14.08 3.37 3.76
C GLN A 68 -15.21 2.75 2.96
N PHE A 69 -14.85 2.02 1.92
CA PHE A 69 -15.80 1.38 0.97
C PHE A 69 -15.06 0.31 0.18
N ASN A 70 -15.80 -0.75 -0.18
CA ASN A 70 -15.26 -1.93 -0.91
C ASN A 70 -15.63 -1.79 -2.39
N LEU A 71 -14.73 -2.23 -3.25
CA LEU A 71 -14.99 -2.55 -4.68
C LEU A 71 -14.81 -4.06 -4.80
N ASP A 72 -15.92 -4.79 -4.92
CA ASP A 72 -15.99 -6.27 -5.17
C ASP A 72 -15.87 -6.51 -6.68
N GLY A 73 -15.94 -7.77 -7.08
CA GLY A 73 -16.07 -8.15 -8.50
C GLY A 73 -14.74 -8.02 -9.20
N ILE A 74 -13.65 -8.21 -8.47
CA ILE A 74 -12.30 -8.43 -9.05
C ILE A 74 -12.24 -9.91 -9.48
N ASN A 75 -12.13 -10.15 -10.78
CA ASN A 75 -12.00 -11.51 -11.37
C ASN A 75 -10.69 -12.11 -10.87
N PRO A 76 -10.63 -13.44 -10.71
CA PRO A 76 -9.38 -14.12 -10.36
C PRO A 76 -8.21 -13.59 -11.19
N ALA A 77 -7.02 -13.50 -10.60
CA ALA A 77 -5.77 -13.06 -11.26
C ALA A 77 -4.61 -13.16 -10.27
N PRO A 78 -3.35 -13.27 -10.75
CA PRO A 78 -2.18 -13.15 -9.89
C PRO A 78 -2.14 -11.77 -9.23
N ARG A 79 -1.56 -11.65 -8.05
CA ARG A 79 -1.53 -10.37 -7.30
C ARG A 79 -0.69 -9.36 -8.12
N GLY A 80 -1.13 -8.10 -8.13
CA GLY A 80 -0.41 -6.98 -8.77
C GLY A 80 -0.67 -6.90 -10.25
N MET A 81 -1.68 -7.62 -10.74
CA MET A 81 -2.09 -7.64 -12.15
C MET A 81 -3.34 -6.78 -12.38
N PRO A 82 -4.43 -6.90 -11.60
CA PRO A 82 -5.58 -6.00 -11.76
C PRO A 82 -5.22 -4.51 -11.69
N GLN A 83 -6.05 -3.67 -12.32
CA GLN A 83 -5.87 -2.20 -12.36
C GLN A 83 -7.06 -1.56 -11.65
N ILE A 84 -6.82 -1.08 -10.43
CA ILE A 84 -7.84 -0.33 -9.64
C ILE A 84 -7.40 1.14 -9.69
N GLU A 85 -8.08 1.94 -10.50
CA GLU A 85 -7.80 3.38 -10.60
C GLU A 85 -8.59 4.06 -9.49
N VAL A 86 -7.89 4.61 -8.51
CA VAL A 86 -8.49 5.41 -7.41
C VAL A 86 -8.40 6.88 -7.83
N THR A 87 -9.49 7.63 -7.84
CA THR A 87 -9.43 9.08 -8.14
C THR A 87 -10.11 9.90 -7.04
N PHE A 88 -9.41 10.93 -6.56
CA PHE A 88 -9.91 11.99 -5.64
C PHE A 88 -10.21 13.24 -6.46
N ASP A 89 -11.46 13.66 -6.45
CA ASP A 89 -11.94 14.92 -7.08
C ASP A 89 -12.58 15.78 -5.99
N ILE A 90 -12.02 16.96 -5.73
CA ILE A 90 -12.63 18.04 -4.90
C ILE A 90 -13.11 19.14 -5.84
N ASP A 91 -14.44 19.33 -5.92
CA ASP A 91 -15.11 20.39 -6.72
C ASP A 91 -14.96 21.73 -6.00
N ALA A 92 -15.36 22.82 -6.65
CA ALA A 92 -15.28 24.21 -6.11
C ALA A 92 -15.95 24.30 -4.73
N ASP A 93 -17.04 23.55 -4.49
CA ASP A 93 -17.88 23.67 -3.26
C ASP A 93 -17.20 23.00 -2.04
N GLY A 94 -16.10 22.25 -2.23
CA GLY A 94 -15.32 21.63 -1.14
C GLY A 94 -15.67 20.17 -0.89
N ILE A 95 -16.40 19.54 -1.82
CA ILE A 95 -16.81 18.11 -1.68
C ILE A 95 -15.73 17.23 -2.33
N LEU A 96 -15.24 16.21 -1.60
CA LEU A 96 -14.32 15.15 -2.07
C LEU A 96 -15.13 13.95 -2.55
N HIS A 97 -14.76 13.44 -3.72
CA HIS A 97 -15.36 12.25 -4.37
C HIS A 97 -14.23 11.26 -4.59
N VAL A 98 -14.20 10.16 -3.85
CA VAL A 98 -13.25 9.05 -4.09
C VAL A 98 -13.97 7.97 -4.89
N SER A 99 -13.42 7.60 -6.05
CA SER A 99 -13.91 6.49 -6.91
C SER A 99 -12.82 5.43 -7.05
N ALA A 100 -13.21 4.15 -7.16
CA ALA A 100 -12.34 3.00 -7.44
C ALA A 100 -12.93 2.18 -8.59
N LYS A 101 -12.29 2.23 -9.75
CA LYS A 101 -12.73 1.52 -10.97
C LYS A 101 -11.76 0.36 -11.26
N ASP A 102 -12.30 -0.85 -11.40
CA ASP A 102 -11.62 -2.02 -12.00
C ASP A 102 -11.63 -1.81 -13.52
N LYS A 103 -10.47 -1.58 -14.12
CA LYS A 103 -10.36 -1.18 -15.55
C LYS A 103 -10.67 -2.37 -16.46
N ASN A 104 -10.59 -3.61 -15.92
CA ASN A 104 -11.11 -4.84 -16.56
C ASN A 104 -12.63 -4.86 -16.41
N SER A 105 -13.12 -5.24 -15.23
CA SER A 105 -14.55 -5.46 -14.89
C SER A 105 -15.41 -4.26 -15.31
N GLY A 106 -14.82 -3.06 -15.42
CA GLY A 106 -15.55 -1.79 -15.59
C GLY A 106 -16.35 -1.41 -14.35
N LYS A 107 -16.25 -2.20 -13.26
CA LYS A 107 -16.97 -1.97 -11.97
C LYS A 107 -16.43 -0.72 -11.26
N GLU A 108 -17.21 -0.11 -10.38
CA GLU A 108 -16.88 1.20 -9.78
C GLU A 108 -17.78 1.48 -8.57
N GLN A 109 -17.17 1.77 -7.40
CA GLN A 109 -17.85 2.29 -6.19
C GLN A 109 -17.29 3.67 -5.89
N LYS A 110 -18.17 4.62 -5.56
CA LYS A 110 -17.79 5.98 -5.12
C LYS A 110 -18.19 6.18 -3.66
N ILE A 111 -17.54 7.12 -3.00
CA ILE A 111 -17.98 7.70 -1.70
C ILE A 111 -17.80 9.22 -1.78
N THR A 112 -18.72 9.97 -1.16
CA THR A 112 -18.74 11.45 -1.15
C THR A 112 -18.61 11.90 0.29
N ILE A 113 -17.75 12.88 0.55
CA ILE A 113 -17.30 13.29 1.91
C ILE A 113 -17.47 14.80 2.06
N LYS A 114 -18.38 15.22 2.94
CA LYS A 114 -18.80 16.63 3.13
C LYS A 114 -17.56 17.50 3.38
N ALA A 115 -17.58 18.72 2.85
CA ALA A 115 -16.49 19.73 2.98
C ALA A 115 -16.14 19.91 4.46
N SER A 116 -17.09 19.58 5.33
CA SER A 116 -17.03 19.80 6.80
C SER A 116 -16.45 18.58 7.49
N SER A 117 -16.33 17.44 6.79
CA SER A 117 -15.71 16.19 7.32
C SER A 117 -14.24 16.45 7.67
N GLY A 118 -13.69 15.69 8.62
CA GLY A 118 -12.25 15.75 8.97
C GLY A 118 -11.97 16.70 10.11
N LEU A 119 -10.74 17.20 10.20
CA LEU A 119 -10.16 17.82 11.41
C LEU A 119 -10.38 19.33 11.36
N ASN A 120 -10.90 19.94 12.45
CA ASN A 120 -11.14 21.41 12.55
C ASN A 120 -9.80 22.11 12.69
N GLU A 121 -9.80 23.45 12.61
CA GLU A 121 -8.57 24.27 12.44
C GLU A 121 -7.53 23.87 13.49
N ASP A 122 -7.96 23.44 14.68
CA ASP A 122 -7.10 23.05 15.81
C ASP A 122 -6.36 21.74 15.52
N GLU A 123 -7.13 20.66 15.42
CA GLU A 123 -6.60 19.28 15.23
C GLU A 123 -5.57 19.32 14.09
N ILE A 124 -5.77 20.20 13.09
CA ILE A 124 -4.85 20.38 11.93
C ILE A 124 -3.50 20.88 12.46
N GLN A 125 -3.48 21.98 13.21
CA GLN A 125 -2.24 22.58 13.76
C GLN A 125 -1.48 21.50 14.54
N LYS A 126 -2.17 20.70 15.37
CA LYS A 126 -1.55 19.58 16.14
C LYS A 126 -0.91 18.60 15.16
N MET A 127 -1.68 18.16 14.16
CA MET A 127 -1.31 17.12 13.17
C MET A 127 0.01 17.51 12.48
N VAL A 128 0.16 18.78 12.11
CA VAL A 128 1.38 19.28 11.40
C VAL A 128 2.58 19.22 12.36
N ARG A 129 2.40 19.69 13.59
CA ARG A 129 3.45 19.67 14.65
C ARG A 129 3.85 18.21 14.90
N ASP A 130 2.87 17.30 14.97
CA ASP A 130 3.11 15.86 15.28
C ASP A 130 3.88 15.19 14.14
N ALA A 131 3.63 15.61 12.89
CA ALA A 131 4.33 15.09 11.69
C ALA A 131 5.82 15.44 11.81
N GLU A 132 6.13 16.71 12.06
CA GLU A 132 7.52 17.22 12.22
C GLU A 132 8.16 16.50 13.40
N ALA A 133 7.40 16.34 14.48
CA ALA A 133 7.83 15.68 15.74
C ALA A 133 8.19 14.19 15.50
N ASN A 134 7.73 13.57 14.41
CA ASN A 134 7.86 12.11 14.20
C ASN A 134 8.38 11.79 12.78
N ALA A 135 9.05 12.72 12.12
CA ALA A 135 9.62 12.50 10.77
C ALA A 135 10.65 11.38 10.84
N GLU A 136 11.28 11.19 12.00
CA GLU A 136 12.21 10.07 12.27
C GLU A 136 11.36 8.79 12.32
N ALA A 137 10.54 8.65 13.38
CA ALA A 137 9.73 7.43 13.65
C ALA A 137 9.04 6.99 12.36
N ASP A 138 8.49 7.94 11.60
CA ASP A 138 7.72 7.69 10.35
C ASP A 138 8.67 7.25 9.24
N ARG A 139 9.84 7.88 9.13
CA ARG A 139 10.95 7.44 8.23
C ARG A 139 11.23 5.95 8.54
N LYS A 140 11.52 5.65 9.81
CA LYS A 140 11.95 4.30 10.28
C LYS A 140 10.80 3.30 10.04
N PHE A 141 9.55 3.72 10.24
CA PHE A 141 8.36 2.89 9.95
C PHE A 141 8.30 2.59 8.45
N GLU A 142 8.22 3.65 7.64
CA GLU A 142 8.16 3.55 6.16
C GLU A 142 9.23 2.56 5.69
N GLU A 143 10.46 2.69 6.20
CA GLU A 143 11.62 1.88 5.73
C GLU A 143 11.32 0.40 5.98
N LEU A 144 10.76 0.07 7.15
CA LEU A 144 10.38 -1.31 7.57
C LEU A 144 9.27 -1.87 6.67
N VAL A 145 8.25 -1.06 6.36
CA VAL A 145 7.10 -1.46 5.49
C VAL A 145 7.64 -1.76 4.09
N GLN A 146 8.48 -0.87 3.55
CA GLN A 146 9.21 -1.11 2.29
C GLN A 146 9.87 -2.49 2.39
N THR A 147 10.74 -2.67 3.40
CA THR A 147 11.52 -3.91 3.64
C THR A 147 10.56 -5.11 3.69
N ARG A 148 9.44 -4.98 4.39
CA ARG A 148 8.46 -6.10 4.54
C ARG A 148 7.95 -6.49 3.15
N ASN A 149 7.34 -5.54 2.44
CA ASN A 149 6.74 -5.77 1.10
C ASN A 149 7.80 -6.33 0.14
N GLN A 150 9.05 -5.87 0.22
CA GLN A 150 10.17 -6.46 -0.58
C GLN A 150 10.33 -7.93 -0.19
N GLY A 151 10.42 -8.21 1.10
CA GLY A 151 10.46 -9.59 1.61
C GLY A 151 9.26 -10.39 1.10
N ASP A 152 8.06 -9.85 1.30
CA ASP A 152 6.78 -10.48 0.86
C ASP A 152 6.84 -10.85 -0.65
N HIS A 153 7.09 -9.89 -1.52
CA HIS A 153 7.28 -10.12 -2.97
C HIS A 153 8.32 -11.22 -3.17
N LEU A 154 9.50 -11.10 -2.56
CA LEU A 154 10.58 -12.10 -2.76
C LEU A 154 10.11 -13.47 -2.28
N LEU A 155 9.29 -13.53 -1.22
CA LEU A 155 8.67 -14.79 -0.73
C LEU A 155 7.78 -15.34 -1.86
N HIS A 156 6.69 -14.65 -2.20
CA HIS A 156 5.69 -15.11 -3.20
C HIS A 156 6.37 -15.44 -4.54
N SER A 157 7.33 -14.61 -4.99
CA SER A 157 8.05 -14.78 -6.28
C SER A 157 8.80 -16.12 -6.30
N THR A 158 9.49 -16.43 -5.19
CA THR A 158 10.36 -17.63 -5.08
C THR A 158 9.49 -18.88 -5.04
N ARG A 159 8.25 -18.80 -4.56
CA ARG A 159 7.31 -19.94 -4.57
C ARG A 159 6.88 -20.27 -6.01
N LYS A 160 6.40 -19.29 -6.78
CA LYS A 160 6.06 -19.47 -8.22
C LYS A 160 7.20 -20.21 -8.92
N GLN A 161 8.39 -19.61 -8.87
CA GLN A 161 9.60 -20.09 -9.58
C GLN A 161 9.89 -21.56 -9.22
N VAL A 162 9.63 -21.97 -7.97
CA VAL A 162 9.81 -23.38 -7.49
C VAL A 162 8.74 -24.30 -8.12
N GLU A 163 7.49 -23.84 -8.23
CA GLU A 163 6.39 -24.62 -8.90
C GLU A 163 6.73 -24.77 -10.38
N GLU A 164 7.03 -23.67 -11.08
CA GLU A 164 7.32 -23.67 -12.54
C GLU A 164 8.68 -24.36 -12.76
N ALA A 165 9.54 -24.41 -11.74
CA ALA A 165 10.81 -25.17 -11.78
C ALA A 165 10.51 -26.67 -11.63
N GLY A 166 9.85 -27.04 -10.54
CA GLY A 166 9.64 -28.43 -10.10
C GLY A 166 10.87 -29.31 -10.34
N ASP A 167 10.62 -30.53 -10.83
CA ASP A 167 11.61 -31.60 -11.12
C ASP A 167 13.00 -31.01 -11.41
N LYS A 168 13.07 -29.87 -12.12
CA LYS A 168 14.33 -29.25 -12.64
C LYS A 168 15.28 -28.81 -11.53
N LEU A 169 14.87 -28.92 -10.25
CA LEU A 169 15.57 -28.32 -9.09
C LEU A 169 16.24 -29.42 -8.27
N PRO A 170 17.59 -29.44 -8.15
CA PRO A 170 18.27 -30.37 -7.25
C PRO A 170 17.57 -30.50 -5.89
N ALA A 171 17.23 -31.74 -5.51
CA ALA A 171 16.70 -32.10 -4.18
C ALA A 171 17.31 -31.15 -3.14
N ASP A 172 18.64 -31.20 -3.01
CA ASP A 172 19.48 -30.31 -2.16
C ASP A 172 18.90 -28.89 -2.17
N ASP A 173 19.01 -28.22 -3.31
CA ASP A 173 18.76 -26.76 -3.47
C ASP A 173 17.30 -26.43 -3.07
N LYS A 174 16.34 -27.34 -3.29
CA LYS A 174 14.91 -27.12 -2.91
C LYS A 174 14.77 -27.08 -1.39
N THR A 175 15.30 -28.08 -0.68
CA THR A 175 15.30 -28.16 0.81
C THR A 175 15.85 -26.84 1.39
N ALA A 176 17.06 -26.48 1.00
CA ALA A 176 17.80 -25.26 1.45
C ALA A 176 16.91 -24.01 1.32
N ILE A 177 16.06 -24.00 0.29
CA ILE A 177 15.17 -22.87 -0.10
C ILE A 177 13.82 -23.05 0.62
N GLU A 178 13.39 -24.28 0.87
CA GLU A 178 12.16 -24.54 1.66
C GLU A 178 12.41 -24.00 3.08
N SER A 179 13.61 -24.23 3.62
CA SER A 179 14.04 -23.75 4.96
C SER A 179 14.04 -22.22 5.01
N ALA A 180 14.65 -21.57 4.01
CA ALA A 180 14.92 -20.11 3.96
C ALA A 180 13.61 -19.33 3.77
N LEU A 181 12.64 -19.88 3.04
CA LEU A 181 11.29 -19.28 2.83
C LEU A 181 10.47 -19.36 4.12
N THR A 182 10.52 -20.51 4.80
CA THR A 182 9.87 -20.75 6.12
C THR A 182 10.39 -19.73 7.14
N ALA A 183 11.71 -19.52 7.17
CA ALA A 183 12.40 -18.55 8.05
C ALA A 183 12.02 -17.11 7.66
N LEU A 184 11.88 -16.81 6.35
CA LEU A 184 11.56 -15.42 5.90
C LEU A 184 10.13 -15.07 6.33
N GLU A 185 9.18 -15.95 6.01
CA GLU A 185 7.73 -15.82 6.35
C GLU A 185 7.55 -15.65 7.86
N THR A 186 8.38 -16.32 8.67
CA THR A 186 8.33 -16.17 10.15
C THR A 186 8.82 -14.77 10.54
N ALA A 187 9.86 -14.25 9.87
CA ALA A 187 10.50 -12.95 10.20
C ALA A 187 9.64 -11.78 9.69
N LEU A 188 8.81 -12.05 8.68
CA LEU A 188 7.84 -11.07 8.12
C LEU A 188 6.71 -10.87 9.14
N LYS A 189 6.51 -11.84 10.05
CA LYS A 189 5.51 -11.78 11.14
C LYS A 189 6.02 -10.85 12.25
N GLY A 190 7.31 -10.53 12.24
CA GLY A 190 7.97 -9.66 13.24
C GLY A 190 8.03 -8.21 12.81
N GLU A 191 8.70 -7.40 13.64
CA GLU A 191 8.87 -5.94 13.54
C GLU A 191 10.35 -5.60 13.40
N ASP A 192 11.19 -6.62 13.20
CA ASP A 192 12.67 -6.51 13.16
C ASP A 192 13.10 -6.49 11.68
N LYS A 193 13.44 -5.31 11.18
CA LYS A 193 13.94 -5.06 9.81
C LYS A 193 15.17 -5.94 9.53
N ALA A 194 16.22 -5.81 10.35
CA ALA A 194 17.51 -6.51 10.23
C ALA A 194 17.25 -8.02 10.09
N ALA A 195 16.34 -8.56 10.90
CA ALA A 195 15.96 -10.00 10.88
C ALA A 195 15.39 -10.37 9.49
N ILE A 196 14.54 -9.50 8.94
CA ILE A 196 13.89 -9.72 7.61
C ILE A 196 14.99 -9.75 6.55
N GLU A 197 15.84 -8.72 6.53
CA GLU A 197 16.92 -8.56 5.53
C GLU A 197 17.81 -9.81 5.54
N ALA A 198 18.09 -10.38 6.72
CA ALA A 198 19.05 -11.49 6.89
C ALA A 198 18.45 -12.79 6.34
N LYS A 199 17.13 -12.96 6.46
CA LYS A 199 16.39 -14.10 5.87
C LYS A 199 16.34 -13.90 4.36
N MET A 200 16.21 -12.65 3.93
CA MET A 200 16.23 -12.27 2.50
C MET A 200 17.62 -12.60 1.95
N GLN A 201 18.66 -12.23 2.68
CA GLN A 201 20.10 -12.51 2.41
C GLN A 201 20.30 -14.04 2.27
N GLU A 202 19.78 -14.81 3.23
CA GLU A 202 19.85 -16.29 3.26
C GLU A 202 19.29 -16.88 1.97
N LEU A 203 18.19 -16.34 1.47
CA LEU A 203 17.44 -16.89 0.30
C LEU A 203 18.22 -16.63 -1.00
N ALA A 204 18.63 -15.38 -1.23
CA ALA A 204 19.54 -14.97 -2.34
C ALA A 204 20.67 -16.01 -2.48
N GLN A 205 21.37 -16.27 -1.37
CA GLN A 205 22.61 -17.08 -1.32
C GLN A 205 22.31 -18.52 -1.74
N VAL A 206 21.19 -19.08 -1.28
CA VAL A 206 20.84 -20.51 -1.54
C VAL A 206 19.94 -20.65 -2.78
N SER A 207 19.53 -19.55 -3.41
CA SER A 207 18.58 -19.57 -4.55
C SER A 207 19.32 -19.52 -5.90
N GLN A 208 20.63 -19.30 -5.89
CA GLN A 208 21.46 -18.99 -7.11
C GLN A 208 21.04 -19.88 -8.30
N LYS A 209 20.84 -21.18 -8.08
CA LYS A 209 20.54 -22.17 -9.15
C LYS A 209 19.10 -22.02 -9.62
N LEU A 210 18.15 -21.79 -8.70
CA LEU A 210 16.71 -21.56 -9.03
C LEU A 210 16.59 -20.39 -10.02
N MET A 211 17.44 -19.38 -9.85
CA MET A 211 17.41 -18.15 -10.69
C MET A 211 17.83 -18.49 -12.14
N GLU A 212 18.86 -19.31 -12.34
CA GLU A 212 19.36 -19.67 -13.70
C GLU A 212 18.17 -20.30 -14.44
N ILE A 213 17.74 -21.46 -13.95
CA ILE A 213 16.52 -22.18 -14.38
C ILE A 213 15.46 -21.13 -14.74
N ALA A 214 15.20 -20.18 -13.83
CA ALA A 214 14.12 -19.17 -13.95
C ALA A 214 14.64 -17.93 -14.68
N PRO B 7 1.33 0.76 -5.53
CA PRO B 7 1.26 -0.45 -4.69
C PRO B 7 -0.15 -1.07 -4.63
N LEU B 8 -0.36 -1.93 -3.63
CA LEU B 8 -1.52 -2.85 -3.52
C LEU B 8 -2.28 -2.58 -2.22
N LEU B 9 -3.61 -2.80 -2.26
CA LEU B 9 -4.55 -2.70 -1.10
C LEU B 9 -4.92 -4.10 -0.61
N GLY B 10 -5.32 -4.23 0.65
CA GLY B 10 -5.85 -5.48 1.25
C GLY B 10 -7.35 -5.57 1.08
#